data_1GVQ
#
_entry.id   1GVQ
#
_cell.length_a   56.646
_cell.length_b   68.441
_cell.length_c   89.409
_cell.angle_alpha   90.00
_cell.angle_beta   90.00
_cell.angle_gamma   90.00
#
_symmetry.space_group_name_H-M   'P 21 21 21'
#
loop_
_entity.id
_entity.type
_entity.pdbx_description
1 polymer 'PENTAERYTHRITOL TETRANITRATE REDUCTASE'
2 non-polymer 'FLAVIN MONONUCLEOTIDE'
3 non-polymer cyclohex-2-en-1-one
4 water water
#
_entity_poly.entity_id   1
_entity_poly.type   'polypeptide(L)'
_entity_poly.pdbx_seq_one_letter_code
;SAEKLFTPLKVGAVTAPNRVFMAPLTRLRSIEPGDIPTPLMGEYYRQRASAGLIISEATQISAQAKGYAGAPGLHSPEQI
AAWKKITAGVHAEDGRIAVQLWHTGRISHSSIQPGGQAPVSASALNANTRTSLRDENGNAIRVDTTTPRALELDEIPGIV
NDFRQAVANAREAGFDLVELHSAHGYLLHQFLSPSSNQRTDQYGGSVENRARLVLEVVDAVCNEWSADRIGIRVSPIGTF
QNVDNGPNEEADALYLIEELAKRGIAYLHMSETDLAGGKPYSEAFRQKVRERFHGVIIGAGAYTAEKAEDLIGKGLIDAV
AFGRDYIANPDLVARLQKKAELNPQRPESFYGGGAEGYTDYPSL
;
_entity_poly.pdbx_strand_id   A
#
loop_
_chem_comp.id
_chem_comp.type
_chem_comp.name
_chem_comp.formula
A2Q non-polymer cyclohex-2-en-1-one 'C6 H8 O'
FMN non-polymer 'FLAVIN MONONUCLEOTIDE' 'C17 H21 N4 O9 P'
#
# COMPACT_ATOMS: atom_id res chain seq x y z
N GLU A 3 4.24 -2.48 28.35
CA GLU A 3 4.35 -2.66 26.87
C GLU A 3 3.33 -3.65 26.35
N LYS A 4 2.67 -3.29 25.25
CA LYS A 4 1.65 -4.13 24.63
C LYS A 4 1.93 -4.31 23.15
N LEU A 5 3.05 -3.78 22.70
CA LEU A 5 3.46 -3.87 21.31
C LEU A 5 3.77 -5.31 20.90
N PHE A 6 3.97 -6.17 21.89
CA PHE A 6 4.30 -7.56 21.61
C PHE A 6 3.21 -8.52 22.07
N THR A 7 1.96 -8.09 21.94
CA THR A 7 0.81 -8.90 22.32
C THR A 7 -0.01 -9.19 21.07
N PRO A 8 -0.67 -10.37 21.03
CA PRO A 8 -1.50 -10.81 19.91
C PRO A 8 -2.57 -9.81 19.50
N LEU A 9 -2.97 -9.88 18.23
CA LEU A 9 -3.98 -8.99 17.70
C LEU A 9 -4.73 -9.67 16.56
N LYS A 10 -6.05 -9.73 16.66
CA LYS A 10 -6.84 -10.35 15.62
C LYS A 10 -7.02 -9.34 14.49
N VAL A 11 -6.50 -9.67 13.32
CA VAL A 11 -6.61 -8.80 12.15
C VAL A 11 -7.40 -9.55 11.08
N GLY A 12 -8.70 -9.29 11.03
CA GLY A 12 -9.54 -9.97 10.07
C GLY A 12 -9.52 -11.47 10.30
N ALA A 13 -9.35 -12.22 9.22
CA ALA A 13 -9.32 -13.69 9.28
C ALA A 13 -8.09 -14.29 9.94
N VAL A 14 -7.09 -13.47 10.23
CA VAL A 14 -5.89 -14.01 10.86
C VAL A 14 -5.59 -13.38 12.19
N THR A 15 -4.58 -13.92 12.86
CA THR A 15 -4.15 -13.41 14.15
C THR A 15 -2.65 -13.17 14.13
N ALA A 16 -2.27 -11.94 14.42
CA ALA A 16 -0.86 -11.56 14.46
C ALA A 16 -0.39 -11.72 15.90
N PRO A 17 0.80 -12.31 16.12
CA PRO A 17 1.35 -12.49 17.46
C PRO A 17 1.93 -11.22 18.09
N ASN A 18 2.07 -10.18 17.28
CA ASN A 18 2.60 -8.91 17.78
C ASN A 18 2.06 -7.79 16.91
N ARG A 19 2.28 -6.55 17.32
CA ARG A 19 1.77 -5.39 16.59
C ARG A 19 2.81 -4.61 15.80
N VAL A 20 3.93 -5.24 15.53
CA VAL A 20 5.02 -4.63 14.76
C VAL A 20 4.85 -5.11 13.32
N PHE A 21 4.20 -4.30 12.50
CA PHE A 21 3.96 -4.67 11.11
C PHE A 21 5.02 -4.14 10.16
N MET A 22 5.14 -4.79 9.01
CA MET A 22 6.09 -4.37 8.00
C MET A 22 5.29 -3.60 6.94
N ALA A 23 5.50 -2.29 6.88
CA ALA A 23 4.82 -1.45 5.91
C ALA A 23 5.09 -1.87 4.47
N PRO A 24 4.18 -1.54 3.53
CA PRO A 24 4.32 -1.87 2.11
C PRO A 24 5.55 -1.12 1.61
N LEU A 25 6.51 -1.80 0.99
CA LEU A 25 7.71 -1.11 0.51
C LEU A 25 8.12 -1.45 -0.93
N THR A 26 7.93 -0.51 -1.83
CA THR A 26 8.31 -0.68 -3.23
C THR A 26 9.84 -0.75 -3.26
N ARG A 27 10.37 -1.85 -3.82
CA ARG A 27 11.82 -2.05 -3.89
C ARG A 27 12.30 -2.18 -5.34
N LEU A 28 11.34 -2.28 -6.26
CA LEU A 28 11.61 -2.35 -7.70
C LEU A 28 12.68 -3.34 -8.16
N ARG A 29 12.59 -4.57 -7.70
CA ARG A 29 13.56 -5.59 -8.05
C ARG A 29 12.94 -6.77 -8.80
N SER A 30 11.74 -6.55 -9.35
CA SER A 30 11.06 -7.59 -10.09
C SER A 30 11.66 -7.82 -11.48
N ILE A 31 11.42 -9.01 -12.01
CA ILE A 31 11.91 -9.35 -13.33
C ILE A 31 11.08 -8.72 -14.42
N GLU A 32 11.77 -8.19 -15.43
CA GLU A 32 11.12 -7.63 -16.60
C GLU A 32 11.83 -8.39 -17.72
N PRO A 33 11.09 -8.82 -18.75
CA PRO A 33 9.64 -8.65 -18.92
C PRO A 33 8.77 -9.52 -18.02
N GLY A 34 7.52 -9.10 -17.83
CA GLY A 34 6.58 -9.85 -17.02
C GLY A 34 6.29 -9.32 -15.62
N ASP A 35 7.13 -8.41 -15.13
CA ASP A 35 6.98 -7.83 -13.79
C ASP A 35 6.75 -8.96 -12.81
N ILE A 36 7.64 -9.93 -12.85
CA ILE A 36 7.56 -11.13 -12.04
C ILE A 36 8.34 -11.14 -10.74
N PRO A 37 7.69 -11.54 -9.63
CA PRO A 37 8.35 -11.60 -8.31
C PRO A 37 9.48 -12.61 -8.46
N THR A 38 10.56 -12.44 -7.69
CA THR A 38 11.73 -13.31 -7.80
C THR A 38 12.05 -14.13 -6.55
N PRO A 39 12.95 -15.12 -6.68
CA PRO A 39 13.33 -15.94 -5.53
C PRO A 39 14.03 -15.05 -4.49
N LEU A 40 14.74 -14.04 -4.98
CA LEU A 40 15.43 -13.08 -4.12
C LEU A 40 14.40 -12.36 -3.25
N MET A 41 13.29 -11.96 -3.88
CA MET A 41 12.21 -11.28 -3.17
C MET A 41 11.62 -12.21 -2.11
N GLY A 42 11.47 -13.49 -2.46
CA GLY A 42 10.94 -14.45 -1.50
C GLY A 42 11.84 -14.50 -0.27
N GLU A 43 13.15 -14.56 -0.48
CA GLU A 43 14.12 -14.60 0.60
C GLU A 43 13.96 -13.36 1.48
N TYR A 44 13.87 -12.20 0.84
CA TYR A 44 13.70 -10.93 1.53
C TYR A 44 12.48 -10.96 2.45
N TYR A 45 11.36 -11.47 1.93
CA TYR A 45 10.14 -11.54 2.73
C TYR A 45 10.24 -12.61 3.80
N ARG A 46 10.93 -13.70 3.49
CA ARG A 46 11.08 -14.79 4.45
C ARG A 46 11.90 -14.32 5.66
N GLN A 47 12.91 -13.51 5.42
CA GLN A 47 13.76 -13.00 6.51
C GLN A 47 12.95 -12.16 7.49
N ARG A 48 11.86 -11.59 7.02
CA ARG A 48 11.02 -10.70 7.82
C ARG A 48 9.70 -11.29 8.29
N ALA A 49 9.60 -12.62 8.28
CA ALA A 49 8.36 -13.31 8.66
C ALA A 49 7.95 -13.26 10.13
N SER A 50 8.80 -12.76 11.01
CA SER A 50 8.44 -12.67 12.43
C SER A 50 7.55 -11.45 12.65
N ALA A 51 7.39 -10.65 11.61
CA ALA A 51 6.53 -9.46 11.68
C ALA A 51 5.12 -9.90 12.05
N GLY A 52 4.42 -9.08 12.82
CA GLY A 52 3.05 -9.42 13.19
C GLY A 52 2.30 -9.68 11.90
N LEU A 53 2.58 -8.83 10.92
CA LEU A 53 1.99 -8.95 9.60
C LEU A 53 2.87 -8.25 8.57
N ILE A 54 3.10 -8.92 7.46
CA ILE A 54 3.88 -8.33 6.38
C ILE A 54 2.93 -7.80 5.32
N ILE A 55 3.08 -6.53 4.97
CA ILE A 55 2.26 -5.94 3.91
C ILE A 55 3.28 -5.80 2.79
N SER A 56 3.02 -6.46 1.67
CA SER A 56 3.94 -6.45 0.53
C SER A 56 4.08 -5.10 -0.16
N GLU A 57 5.08 -5.04 -1.03
CA GLU A 57 5.33 -3.86 -1.84
C GLU A 57 4.10 -3.69 -2.73
N ALA A 58 3.82 -2.47 -3.17
CA ALA A 58 2.66 -2.21 -4.02
C ALA A 58 2.76 -3.14 -5.25
N THR A 59 1.65 -3.80 -5.57
CA THR A 59 1.61 -4.75 -6.68
C THR A 59 0.49 -4.41 -7.68
N GLN A 60 0.80 -4.46 -8.98
CA GLN A 60 -0.19 -4.13 -10.01
C GLN A 60 -1.37 -5.05 -10.10
N ILE A 61 -2.56 -4.47 -10.25
CA ILE A 61 -3.78 -5.25 -10.39
C ILE A 61 -3.96 -5.55 -11.88
N SER A 62 -3.15 -4.91 -12.71
CA SER A 62 -3.23 -5.10 -14.15
C SER A 62 -1.98 -4.51 -14.80
N ALA A 63 -1.81 -4.74 -16.11
CA ALA A 63 -0.65 -4.21 -16.80
C ALA A 63 -0.76 -2.69 -16.87
N GLN A 64 -1.99 -2.21 -17.07
CA GLN A 64 -2.27 -0.77 -17.16
C GLN A 64 -1.91 -0.08 -15.83
N ALA A 65 -2.06 -0.82 -14.74
CA ALA A 65 -1.78 -0.26 -13.42
C ALA A 65 -0.31 0.08 -13.23
N LYS A 66 0.56 -0.50 -14.06
CA LYS A 66 1.99 -0.27 -13.93
C LYS A 66 2.43 1.19 -14.07
N GLY A 67 3.27 1.63 -13.14
CA GLY A 67 3.78 2.98 -13.14
C GLY A 67 5.28 3.01 -12.88
N TYR A 68 5.81 1.90 -12.38
CA TYR A 68 7.25 1.80 -12.06
C TYR A 68 7.88 0.56 -12.66
N ALA A 69 9.09 0.71 -13.20
CA ALA A 69 9.79 -0.43 -13.76
C ALA A 69 10.33 -1.22 -12.57
N GLY A 70 10.06 -2.53 -12.53
CA GLY A 70 10.55 -3.33 -11.43
C GLY A 70 9.49 -3.67 -10.40
N ALA A 71 8.34 -3.01 -10.48
CA ALA A 71 7.23 -3.26 -9.56
C ALA A 71 6.52 -4.53 -10.04
N PRO A 72 6.16 -5.41 -9.10
CA PRO A 72 5.47 -6.66 -9.45
C PRO A 72 3.99 -6.53 -9.76
N GLY A 73 3.47 -7.51 -10.48
CA GLY A 73 2.05 -7.51 -10.79
C GLY A 73 1.43 -8.77 -10.20
N LEU A 74 0.11 -8.81 -10.17
CA LEU A 74 -0.64 -9.98 -9.67
C LEU A 74 -1.73 -10.23 -10.70
N HIS A 75 -1.32 -10.13 -11.96
CA HIS A 75 -2.17 -10.34 -13.12
C HIS A 75 -1.25 -11.05 -14.11
N SER A 76 -1.54 -12.31 -14.37
CA SER A 76 -0.78 -13.15 -15.30
C SER A 76 -0.42 -14.40 -14.55
N PRO A 77 -0.47 -15.54 -15.25
CA PRO A 77 -0.14 -16.84 -14.68
C PRO A 77 1.22 -16.86 -13.99
N GLU A 78 2.23 -16.32 -14.67
CA GLU A 78 3.60 -16.28 -14.13
C GLU A 78 3.74 -15.55 -12.80
N GLN A 79 3.07 -14.40 -12.68
CA GLN A 79 3.13 -13.62 -11.45
C GLN A 79 2.49 -14.38 -10.29
N ILE A 80 1.32 -14.95 -10.55
CA ILE A 80 0.60 -15.72 -9.56
C ILE A 80 1.48 -16.88 -9.06
N ALA A 81 2.08 -17.61 -10.00
CA ALA A 81 2.95 -18.73 -9.64
C ALA A 81 4.16 -18.28 -8.81
N ALA A 82 4.71 -17.12 -9.15
CA ALA A 82 5.86 -16.58 -8.43
C ALA A 82 5.45 -16.16 -7.02
N TRP A 83 4.33 -15.44 -6.89
CA TRP A 83 3.88 -15.02 -5.57
C TRP A 83 3.54 -16.24 -4.70
N LYS A 84 3.03 -17.31 -5.30
CA LYS A 84 2.67 -18.51 -4.53
C LYS A 84 3.86 -19.04 -3.75
N LYS A 85 5.04 -18.98 -4.35
CA LYS A 85 6.26 -19.44 -3.70
C LYS A 85 6.66 -18.50 -2.57
N ILE A 86 6.41 -17.21 -2.75
CA ILE A 86 6.77 -16.22 -1.73
C ILE A 86 5.89 -16.33 -0.49
N THR A 87 4.58 -16.45 -0.68
CA THR A 87 3.68 -16.58 0.46
C THR A 87 3.96 -17.90 1.17
N ALA A 88 4.32 -18.94 0.42
CA ALA A 88 4.64 -20.24 1.01
C ALA A 88 5.87 -20.12 1.91
N GLY A 89 6.84 -19.34 1.46
CA GLY A 89 8.06 -19.14 2.23
C GLY A 89 7.74 -18.44 3.54
N VAL A 90 6.92 -17.39 3.47
CA VAL A 90 6.52 -16.65 4.67
C VAL A 90 5.76 -17.57 5.62
N HIS A 91 4.81 -18.33 5.07
CA HIS A 91 4.02 -19.24 5.89
C HIS A 91 4.88 -20.38 6.46
N ALA A 92 5.94 -20.74 5.74
CA ALA A 92 6.83 -21.80 6.22
C ALA A 92 7.52 -21.31 7.49
N GLU A 93 7.65 -20.00 7.63
CA GLU A 93 8.28 -19.40 8.81
C GLU A 93 7.20 -18.96 9.79
N ASP A 94 5.97 -19.39 9.53
CA ASP A 94 4.80 -19.07 10.36
C ASP A 94 4.46 -17.59 10.36
N GLY A 95 4.71 -16.92 9.25
CA GLY A 95 4.40 -15.50 9.15
C GLY A 95 3.08 -15.30 8.43
N ARG A 96 2.63 -14.04 8.35
CA ARG A 96 1.39 -13.69 7.67
C ARG A 96 1.72 -12.58 6.67
N ILE A 97 1.16 -12.67 5.46
CA ILE A 97 1.45 -11.66 4.45
C ILE A 97 0.23 -11.16 3.70
N ALA A 98 0.15 -9.85 3.56
CA ALA A 98 -0.95 -9.22 2.85
C ALA A 98 -0.33 -8.57 1.61
N VAL A 99 -1.04 -8.62 0.49
CA VAL A 99 -0.52 -8.03 -0.72
C VAL A 99 -1.16 -6.66 -0.91
N GLN A 100 -0.34 -5.64 -1.15
CA GLN A 100 -0.89 -4.30 -1.38
C GLN A 100 -1.12 -4.20 -2.88
N LEU A 101 -2.37 -3.93 -3.26
CA LEU A 101 -2.72 -3.82 -4.66
C LEU A 101 -2.96 -2.36 -5.08
N TRP A 102 -2.38 -1.97 -6.21
CA TRP A 102 -2.54 -0.61 -6.70
C TRP A 102 -2.68 -0.46 -8.20
N HIS A 103 -3.06 0.75 -8.59
CA HIS A 103 -3.16 1.18 -9.98
C HIS A 103 -2.51 2.55 -9.77
N THR A 104 -1.35 2.77 -10.39
CA THR A 104 -0.65 4.02 -10.22
C THR A 104 -1.32 5.23 -10.85
N GLY A 105 -2.23 4.99 -11.78
CA GLY A 105 -2.90 6.12 -12.42
C GLY A 105 -1.90 7.04 -13.11
N ARG A 106 -2.03 8.35 -12.86
CA ARG A 106 -1.16 9.32 -13.50
C ARG A 106 0.31 9.28 -13.05
N ILE A 107 0.62 8.57 -11.97
CA ILE A 107 2.02 8.49 -11.56
C ILE A 107 2.60 7.31 -12.33
N SER A 108 2.87 7.55 -13.60
CA SER A 108 3.38 6.53 -14.51
C SER A 108 4.04 7.18 -15.72
N HIS A 109 4.53 6.35 -16.65
CA HIS A 109 5.15 6.85 -17.87
C HIS A 109 4.60 6.04 -19.03
N SER A 110 4.49 6.67 -20.19
CA SER A 110 3.94 6.00 -21.37
C SER A 110 4.78 4.80 -21.81
N SER A 111 6.09 4.88 -21.64
CA SER A 111 6.98 3.81 -22.05
C SER A 111 6.77 2.46 -21.37
N ILE A 112 6.03 2.41 -20.27
CA ILE A 112 5.77 1.14 -19.59
C ILE A 112 4.28 0.83 -19.52
N GLN A 113 3.50 1.53 -20.32
CA GLN A 113 2.05 1.31 -20.39
C GLN A 113 1.77 0.43 -21.60
N PRO A 114 0.63 -0.26 -21.61
CA PRO A 114 0.32 -1.10 -22.77
C PRO A 114 0.35 -0.27 -24.05
N GLY A 115 1.04 -0.78 -25.07
CA GLY A 115 1.12 -0.07 -26.34
C GLY A 115 1.93 1.22 -26.34
N GLY A 116 2.45 1.60 -25.17
CA GLY A 116 3.23 2.81 -25.06
C GLY A 116 2.35 4.04 -25.06
N GLN A 117 1.09 3.85 -24.70
CA GLN A 117 0.15 4.96 -24.69
C GLN A 117 0.10 5.70 -23.36
N ALA A 118 -0.57 6.84 -23.37
CA ALA A 118 -0.69 7.67 -22.16
C ALA A 118 -1.41 6.91 -21.06
N PRO A 119 -0.96 7.08 -19.80
CA PRO A 119 -1.58 6.40 -18.66
C PRO A 119 -2.93 7.04 -18.36
N VAL A 120 -3.75 6.37 -17.54
CA VAL A 120 -5.08 6.90 -17.23
C VAL A 120 -5.21 7.52 -15.84
N SER A 121 -6.26 8.32 -15.66
CA SER A 121 -6.48 8.97 -14.37
C SER A 121 -7.91 9.49 -14.27
N ALA A 122 -8.20 10.22 -13.19
CA ALA A 122 -9.53 10.80 -12.98
C ALA A 122 -9.72 11.91 -14.00
N SER A 123 -8.69 12.73 -14.15
CA SER A 123 -8.70 13.85 -15.09
C SER A 123 -7.40 13.87 -15.86
N ALA A 124 -7.35 14.69 -16.91
CA ALA A 124 -6.15 14.79 -17.75
C ALA A 124 -5.18 15.85 -17.22
N LEU A 125 -4.66 15.62 -16.03
CA LEU A 125 -3.73 16.54 -15.39
C LEU A 125 -2.46 15.79 -15.03
N ASN A 126 -1.31 16.29 -15.50
CA ASN A 126 -0.03 15.65 -15.22
C ASN A 126 0.24 15.75 -13.71
N ALA A 127 0.78 14.69 -13.13
CA ALA A 127 1.09 14.67 -11.70
C ALA A 127 2.22 15.63 -11.34
N ASN A 128 2.95 16.10 -12.35
CA ASN A 128 4.07 17.01 -12.13
C ASN A 128 5.09 16.45 -11.16
N THR A 129 5.36 15.16 -11.29
CA THR A 129 6.34 14.52 -10.44
C THR A 129 7.13 13.53 -11.28
N ARG A 130 7.76 12.56 -10.64
CA ARG A 130 8.53 11.58 -11.38
C ARG A 130 8.25 10.18 -10.87
N THR A 131 8.58 9.20 -11.71
CA THR A 131 8.41 7.80 -11.35
C THR A 131 9.77 7.16 -11.63
N SER A 132 9.90 5.87 -11.35
CA SER A 132 11.17 5.20 -11.57
C SER A 132 11.13 4.19 -12.69
N LEU A 133 12.02 4.36 -13.66
CA LEU A 133 12.13 3.44 -14.79
C LEU A 133 13.49 2.74 -14.69
N ARG A 134 13.84 1.98 -15.72
CA ARG A 134 15.11 1.28 -15.76
C ARG A 134 15.84 1.67 -17.04
N ASP A 135 17.16 1.84 -16.95
CA ASP A 135 17.94 2.20 -18.13
C ASP A 135 18.32 0.97 -18.93
N GLU A 136 19.18 1.18 -19.92
CA GLU A 136 19.66 0.12 -20.80
C GLU A 136 20.31 -1.05 -20.06
N ASN A 137 20.82 -0.80 -18.87
CA ASN A 137 21.47 -1.85 -18.09
C ASN A 137 20.60 -2.36 -16.95
N GLY A 138 19.34 -1.91 -16.92
CA GLY A 138 18.43 -2.35 -15.87
C GLY A 138 18.55 -1.58 -14.57
N ASN A 139 19.33 -0.50 -14.60
CA ASN A 139 19.51 0.34 -13.41
C ASN A 139 18.32 1.27 -13.23
N ALA A 140 17.90 1.50 -12.00
CA ALA A 140 16.78 2.39 -11.71
C ALA A 140 17.14 3.83 -12.03
N ILE A 141 16.20 4.55 -12.65
CA ILE A 141 16.40 5.94 -13.00
C ILE A 141 15.08 6.69 -12.85
N ARG A 142 15.16 8.00 -12.65
CA ARG A 142 13.96 8.83 -12.49
C ARG A 142 13.54 9.40 -13.84
N VAL A 143 12.24 9.65 -13.99
CA VAL A 143 11.72 10.18 -15.24
C VAL A 143 10.42 10.93 -14.95
N ASP A 144 10.23 12.08 -15.59
CA ASP A 144 9.01 12.85 -15.39
C ASP A 144 7.80 12.00 -15.79
N THR A 145 6.70 12.18 -15.05
CA THR A 145 5.48 11.44 -15.32
C THR A 145 4.80 11.94 -16.59
N THR A 146 4.18 11.01 -17.31
CA THR A 146 3.47 11.31 -18.56
C THR A 146 2.07 11.87 -18.26
N THR A 147 1.68 12.91 -18.99
CA THR A 147 0.36 13.49 -18.81
C THR A 147 -0.68 12.38 -19.03
N PRO A 148 -1.65 12.26 -18.12
CA PRO A 148 -2.68 11.23 -18.20
C PRO A 148 -3.88 11.56 -19.09
N ARG A 149 -4.66 10.51 -19.35
CA ARG A 149 -5.88 10.59 -20.14
C ARG A 149 -7.01 10.36 -19.13
N ALA A 150 -8.03 11.22 -19.15
CA ALA A 150 -9.15 11.03 -18.24
C ALA A 150 -9.87 9.78 -18.69
N LEU A 151 -9.98 8.81 -17.78
CA LEU A 151 -10.62 7.55 -18.10
C LEU A 151 -11.74 7.63 -19.13
N GLU A 152 -12.98 7.73 -18.66
CA GLU A 152 -14.19 7.81 -19.49
C GLU A 152 -15.17 6.94 -18.73
N LEU A 153 -16.37 7.47 -18.52
CA LEU A 153 -17.40 6.78 -17.77
C LEU A 153 -17.49 5.26 -17.97
N ASP A 154 -17.61 4.79 -19.21
CA ASP A 154 -17.71 3.35 -19.44
C ASP A 154 -16.46 2.53 -19.13
N GLU A 155 -15.37 3.20 -18.77
CA GLU A 155 -14.14 2.50 -18.43
C GLU A 155 -14.06 2.18 -16.94
N ILE A 156 -14.83 2.92 -16.14
CA ILE A 156 -14.81 2.72 -14.70
C ILE A 156 -15.12 1.28 -14.25
N PRO A 157 -16.18 0.67 -14.79
CA PRO A 157 -16.48 -0.71 -14.38
C PRO A 157 -15.28 -1.64 -14.59
N GLY A 158 -14.55 -1.40 -15.68
CA GLY A 158 -13.38 -2.19 -15.98
C GLY A 158 -12.32 -2.04 -14.89
N ILE A 159 -12.21 -0.84 -14.32
CA ILE A 159 -11.23 -0.58 -13.27
C ILE A 159 -11.60 -1.36 -12.01
N VAL A 160 -12.86 -1.31 -11.63
CA VAL A 160 -13.34 -2.04 -10.45
C VAL A 160 -13.16 -3.55 -10.68
N ASN A 161 -13.39 -4.00 -11.91
CA ASN A 161 -13.22 -5.40 -12.21
C ASN A 161 -11.76 -5.86 -12.07
N ASP A 162 -10.83 -4.99 -12.46
CA ASP A 162 -9.42 -5.34 -12.35
C ASP A 162 -9.03 -5.52 -10.88
N PHE A 163 -9.56 -4.66 -10.01
CA PHE A 163 -9.28 -4.78 -8.59
C PHE A 163 -9.87 -6.10 -8.05
N ARG A 164 -11.09 -6.43 -8.49
CA ARG A 164 -11.76 -7.65 -8.06
C ARG A 164 -10.98 -8.89 -8.51
N GLN A 165 -10.54 -8.91 -9.76
CA GLN A 165 -9.78 -10.05 -10.28
C GLN A 165 -8.45 -10.22 -9.56
N ALA A 166 -7.77 -9.12 -9.28
CA ALA A 166 -6.47 -9.17 -8.59
C ALA A 166 -6.66 -9.77 -7.20
N VAL A 167 -7.75 -9.42 -6.55
CA VAL A 167 -8.05 -9.93 -5.23
C VAL A 167 -8.32 -11.43 -5.34
N ALA A 168 -9.00 -11.85 -6.39
CA ALA A 168 -9.27 -13.27 -6.59
C ALA A 168 -7.93 -13.98 -6.79
N ASN A 169 -7.04 -13.36 -7.55
CA ASN A 169 -5.72 -13.95 -7.78
C ASN A 169 -4.92 -13.99 -6.47
N ALA A 170 -5.06 -12.94 -5.66
CA ALA A 170 -4.37 -12.85 -4.38
C ALA A 170 -4.73 -14.03 -3.49
N ARG A 171 -6.03 -14.36 -3.47
CA ARG A 171 -6.52 -15.48 -2.66
C ARG A 171 -5.86 -16.76 -3.17
N GLU A 172 -5.89 -16.94 -4.48
CA GLU A 172 -5.29 -18.11 -5.11
C GLU A 172 -3.78 -18.15 -4.83
N ALA A 173 -3.16 -16.97 -4.78
CA ALA A 173 -1.73 -16.86 -4.54
C ALA A 173 -1.29 -17.19 -3.10
N GLY A 174 -2.23 -17.34 -2.19
CA GLY A 174 -1.88 -17.69 -0.82
C GLY A 174 -1.71 -16.53 0.15
N PHE A 175 -2.06 -15.31 -0.28
CA PHE A 175 -1.95 -14.15 0.59
C PHE A 175 -3.02 -14.30 1.68
N ASP A 176 -2.69 -13.84 2.88
CA ASP A 176 -3.61 -13.91 4.01
C ASP A 176 -4.62 -12.77 3.96
N LEU A 177 -4.21 -11.65 3.38
CA LEU A 177 -5.09 -10.50 3.27
C LEU A 177 -4.66 -9.67 2.07
N VAL A 178 -5.46 -8.66 1.76
CA VAL A 178 -5.15 -7.75 0.68
C VAL A 178 -5.29 -6.33 1.24
N GLU A 179 -4.48 -5.41 0.73
CA GLU A 179 -4.57 -4.02 1.14
C GLU A 179 -4.74 -3.16 -0.09
N LEU A 180 -5.88 -2.50 -0.21
CA LEU A 180 -6.15 -1.61 -1.34
C LEU A 180 -5.33 -0.34 -1.14
N HIS A 181 -4.61 0.08 -2.19
CA HIS A 181 -3.79 1.28 -2.09
C HIS A 181 -4.58 2.53 -2.52
N SER A 182 -5.27 3.18 -1.59
CA SER A 182 -5.99 4.40 -1.95
C SER A 182 -5.29 5.57 -1.28
N ALA A 183 -3.96 5.53 -1.28
CA ALA A 183 -3.16 6.59 -0.69
C ALA A 183 -2.09 7.07 -1.64
N HIS A 184 -1.25 7.95 -1.12
CA HIS A 184 -0.09 8.53 -1.81
C HIS A 184 -0.24 9.00 -3.26
N GLY A 185 -1.42 9.52 -3.61
CA GLY A 185 -1.62 10.04 -4.95
C GLY A 185 -1.71 9.07 -6.10
N TYR A 186 -2.06 7.81 -5.82
CA TYR A 186 -2.19 6.84 -6.90
C TYR A 186 -3.64 6.88 -7.40
N LEU A 187 -4.03 6.00 -8.32
CA LEU A 187 -5.37 6.08 -8.90
C LEU A 187 -6.54 6.34 -7.95
N LEU A 188 -6.75 5.48 -6.96
CA LEU A 188 -7.86 5.69 -6.05
C LEU A 188 -7.80 7.06 -5.37
N HIS A 189 -6.62 7.46 -4.90
CA HIS A 189 -6.45 8.76 -4.25
C HIS A 189 -6.65 9.89 -5.26
N GLN A 190 -6.35 9.61 -6.53
CA GLN A 190 -6.51 10.61 -7.59
C GLN A 190 -7.98 11.00 -7.75
N PHE A 191 -8.89 10.04 -7.51
CA PHE A 191 -10.32 10.32 -7.59
C PHE A 191 -10.78 10.97 -6.29
N LEU A 192 -10.24 10.50 -5.16
CA LEU A 192 -10.61 11.03 -3.85
C LEU A 192 -10.31 12.51 -3.67
N SER A 193 -9.20 12.95 -4.24
CA SER A 193 -8.77 14.34 -4.11
C SER A 193 -9.30 15.30 -5.18
N PRO A 194 -9.84 16.45 -4.76
CA PRO A 194 -10.36 17.43 -5.72
C PRO A 194 -9.23 18.12 -6.50
N SER A 195 -8.00 18.04 -6.00
CA SER A 195 -6.89 18.68 -6.68
C SER A 195 -6.55 17.89 -7.96
N SER A 196 -6.79 16.59 -7.92
CA SER A 196 -6.50 15.74 -9.07
C SER A 196 -7.78 15.24 -9.75
N ASN A 197 -8.93 15.62 -9.22
CA ASN A 197 -10.21 15.18 -9.78
C ASN A 197 -11.11 16.36 -10.14
N GLN A 198 -11.24 16.64 -11.44
CA GLN A 198 -12.07 17.73 -11.92
C GLN A 198 -13.27 17.21 -12.75
N ARG A 199 -13.61 15.94 -12.54
CA ARG A 199 -14.71 15.33 -13.28
C ARG A 199 -16.07 15.96 -12.99
N THR A 200 -16.94 15.94 -13.99
CA THR A 200 -18.27 16.51 -13.84
C THR A 200 -19.36 15.43 -13.83
N ASP A 201 -18.97 14.16 -13.94
CA ASP A 201 -19.94 13.08 -13.87
C ASP A 201 -20.13 12.74 -12.40
N GLN A 202 -20.64 11.55 -12.11
CA GLN A 202 -20.87 11.19 -10.72
C GLN A 202 -19.62 10.69 -9.97
N TYR A 203 -18.45 10.83 -10.59
CA TYR A 203 -17.20 10.40 -9.93
C TYR A 203 -16.35 11.60 -9.54
N GLY A 204 -16.91 12.79 -9.69
CA GLY A 204 -16.21 14.02 -9.34
C GLY A 204 -17.13 15.02 -8.70
N GLY A 205 -16.55 16.04 -8.05
CA GLY A 205 -17.36 17.05 -7.40
C GLY A 205 -17.42 16.84 -5.90
N SER A 206 -18.60 16.44 -5.42
CA SER A 206 -18.82 16.20 -3.99
C SER A 206 -17.90 15.10 -3.46
N VAL A 207 -17.70 15.08 -2.15
CA VAL A 207 -16.85 14.05 -1.55
C VAL A 207 -17.48 12.69 -1.85
N GLU A 208 -18.82 12.62 -1.76
CA GLU A 208 -19.52 11.36 -2.03
C GLU A 208 -19.17 10.85 -3.42
N ASN A 209 -19.08 11.76 -4.39
CA ASN A 209 -18.74 11.39 -5.76
C ASN A 209 -17.28 10.98 -5.87
N ARG A 210 -16.39 11.75 -5.23
CA ARG A 210 -14.97 11.47 -5.25
C ARG A 210 -14.62 10.13 -4.60
N ALA A 211 -15.43 9.75 -3.60
CA ALA A 211 -15.20 8.50 -2.89
C ALA A 211 -15.95 7.33 -3.52
N ARG A 212 -16.76 7.63 -4.54
CA ARG A 212 -17.54 6.58 -5.21
C ARG A 212 -16.70 5.40 -5.72
N LEU A 213 -15.67 5.68 -6.50
CA LEU A 213 -14.82 4.63 -7.06
C LEU A 213 -14.19 3.72 -5.98
N VAL A 214 -13.54 4.32 -5.00
CA VAL A 214 -12.92 3.51 -3.97
C VAL A 214 -13.94 2.63 -3.25
N LEU A 215 -15.12 3.18 -2.97
CA LEU A 215 -16.13 2.39 -2.28
C LEU A 215 -16.69 1.27 -3.18
N GLU A 216 -16.68 1.48 -4.49
CA GLU A 216 -17.15 0.45 -5.42
C GLU A 216 -16.12 -0.69 -5.42
N VAL A 217 -14.85 -0.34 -5.29
CA VAL A 217 -13.78 -1.33 -5.27
C VAL A 217 -13.88 -2.15 -4.00
N VAL A 218 -14.06 -1.47 -2.87
CA VAL A 218 -14.18 -2.15 -1.58
C VAL A 218 -15.34 -3.15 -1.65
N ASP A 219 -16.48 -2.72 -2.15
CA ASP A 219 -17.64 -3.60 -2.25
C ASP A 219 -17.36 -4.78 -3.16
N ALA A 220 -16.70 -4.52 -4.28
CA ALA A 220 -16.37 -5.56 -5.24
C ALA A 220 -15.37 -6.58 -4.67
N VAL A 221 -14.29 -6.13 -4.06
CA VAL A 221 -13.31 -7.08 -3.54
C VAL A 221 -13.85 -7.80 -2.32
N CYS A 222 -14.75 -7.14 -1.58
CA CYS A 222 -15.36 -7.75 -0.40
C CYS A 222 -16.31 -8.85 -0.84
N ASN A 223 -17.01 -8.61 -1.95
CA ASN A 223 -17.95 -9.58 -2.52
C ASN A 223 -17.21 -10.76 -3.14
N GLU A 224 -16.02 -10.48 -3.67
CA GLU A 224 -15.20 -11.51 -4.30
C GLU A 224 -14.60 -12.48 -3.29
N TRP A 225 -14.02 -11.95 -2.22
CA TRP A 225 -13.43 -12.79 -1.20
C TRP A 225 -14.30 -12.68 0.05
N SER A 226 -13.82 -11.91 1.03
CA SER A 226 -14.57 -11.73 2.27
C SER A 226 -14.13 -10.42 2.93
N ALA A 227 -15.04 -9.78 3.65
CA ALA A 227 -14.72 -8.52 4.32
C ALA A 227 -13.53 -8.68 5.27
N ASP A 228 -13.48 -9.78 6.02
CA ASP A 228 -12.39 -9.98 6.96
C ASP A 228 -11.06 -10.32 6.27
N ARG A 229 -11.00 -10.09 4.97
CA ARG A 229 -9.77 -10.35 4.20
C ARG A 229 -9.30 -9.05 3.56
N ILE A 230 -10.11 -8.00 3.69
CA ILE A 230 -9.80 -6.73 3.07
C ILE A 230 -9.31 -5.61 3.98
N GLY A 231 -8.17 -5.04 3.59
CA GLY A 231 -7.60 -3.94 4.33
C GLY A 231 -7.50 -2.81 3.31
N ILE A 232 -7.33 -1.58 3.77
CA ILE A 232 -7.20 -0.46 2.86
C ILE A 232 -6.26 0.56 3.47
N ARG A 233 -5.42 1.15 2.65
CA ARG A 233 -4.50 2.17 3.15
C ARG A 233 -4.92 3.51 2.56
N VAL A 234 -4.98 4.53 3.42
CA VAL A 234 -5.34 5.86 2.99
C VAL A 234 -4.31 6.83 3.56
N SER A 235 -4.26 8.03 2.98
CA SER A 235 -3.37 9.11 3.43
C SER A 235 -4.25 10.33 3.15
N PRO A 236 -5.35 10.46 3.92
CA PRO A 236 -6.34 11.53 3.81
C PRO A 236 -6.03 12.90 4.40
N ILE A 237 -4.95 13.00 5.18
CA ILE A 237 -4.57 14.28 5.77
C ILE A 237 -3.18 14.71 5.29
N GLY A 238 -3.11 15.92 4.74
CA GLY A 238 -1.83 16.42 4.26
C GLY A 238 -1.66 16.30 2.76
N THR A 239 -0.44 16.54 2.30
CA THR A 239 -0.12 16.46 0.88
C THR A 239 0.87 15.32 0.61
N PHE A 240 0.51 14.43 -0.32
CA PHE A 240 1.35 13.29 -0.68
C PHE A 240 1.59 13.24 -2.18
N GLN A 241 2.86 13.20 -2.56
CA GLN A 241 3.26 13.16 -3.97
C GLN A 241 2.51 14.16 -4.84
N ASN A 242 2.48 15.41 -4.39
CA ASN A 242 1.82 16.50 -5.10
C ASN A 242 0.30 16.47 -5.08
N VAL A 243 -0.28 15.51 -4.37
CA VAL A 243 -1.73 15.42 -4.27
C VAL A 243 -2.18 15.72 -2.84
N ASP A 244 -2.86 16.85 -2.66
CA ASP A 244 -3.35 17.21 -1.33
C ASP A 244 -4.70 16.54 -1.13
N ASN A 245 -5.37 16.83 -0.02
CA ASN A 245 -6.66 16.22 0.23
C ASN A 245 -7.83 17.20 0.24
N GLY A 246 -7.62 18.39 -0.30
CA GLY A 246 -8.69 19.39 -0.36
C GLY A 246 -8.81 20.30 0.84
N PRO A 247 -9.64 21.36 0.76
CA PRO A 247 -9.84 22.33 1.84
C PRO A 247 -10.66 21.80 3.02
N ASN A 248 -11.28 20.64 2.85
CA ASN A 248 -12.07 20.03 3.92
C ASN A 248 -11.60 18.59 4.09
N GLU A 249 -10.27 18.41 4.11
CA GLU A 249 -9.69 17.07 4.24
C GLU A 249 -10.15 16.30 5.46
N GLU A 250 -10.23 16.96 6.62
CA GLU A 250 -10.65 16.28 7.84
C GLU A 250 -12.08 15.74 7.71
N ALA A 251 -13.01 16.61 7.33
CA ALA A 251 -14.40 16.18 7.17
C ALA A 251 -14.50 15.10 6.10
N ASP A 252 -13.81 15.29 4.98
CA ASP A 252 -13.85 14.30 3.89
C ASP A 252 -13.27 12.96 4.30
N ALA A 253 -12.31 12.99 5.22
CA ALA A 253 -11.68 11.76 5.69
C ALA A 253 -12.66 10.98 6.56
N LEU A 254 -13.33 11.68 7.47
CA LEU A 254 -14.30 11.04 8.35
C LEU A 254 -15.45 10.44 7.55
N TYR A 255 -15.85 11.10 6.46
CA TYR A 255 -16.93 10.55 5.64
C TYR A 255 -16.50 9.20 5.07
N LEU A 256 -15.32 9.18 4.46
CA LEU A 256 -14.79 7.95 3.86
C LEU A 256 -14.67 6.80 4.83
N ILE A 257 -14.19 7.09 6.05
CA ILE A 257 -14.02 6.07 7.07
C ILE A 257 -15.34 5.49 7.56
N GLU A 258 -16.36 6.34 7.71
CA GLU A 258 -17.67 5.86 8.13
C GLU A 258 -18.23 4.92 7.06
N GLU A 259 -17.96 5.24 5.80
CA GLU A 259 -18.42 4.41 4.69
C GLU A 259 -17.69 3.07 4.68
N LEU A 260 -16.38 3.11 4.88
CA LEU A 260 -15.58 1.89 4.90
C LEU A 260 -16.04 1.02 6.06
N ALA A 261 -16.35 1.67 7.17
CA ALA A 261 -16.79 0.97 8.38
C ALA A 261 -18.03 0.12 8.11
N LYS A 262 -18.93 0.64 7.30
CA LYS A 262 -20.16 -0.08 6.99
C LYS A 262 -19.91 -1.44 6.35
N ARG A 263 -18.74 -1.61 5.74
CA ARG A 263 -18.42 -2.87 5.10
C ARG A 263 -17.76 -3.85 6.06
N GLY A 264 -17.45 -3.39 7.27
CA GLY A 264 -16.84 -4.24 8.27
C GLY A 264 -15.55 -4.91 7.80
N ILE A 265 -14.71 -4.17 7.08
CA ILE A 265 -13.47 -4.74 6.58
C ILE A 265 -12.44 -5.02 7.68
N ALA A 266 -11.40 -5.76 7.33
CA ALA A 266 -10.36 -6.14 8.27
C ALA A 266 -9.61 -4.99 8.94
N TYR A 267 -9.16 -4.02 8.16
CA TYR A 267 -8.43 -2.93 8.79
C TYR A 267 -8.33 -1.63 8.01
N LEU A 268 -8.02 -0.56 8.74
CA LEU A 268 -7.84 0.75 8.16
C LEU A 268 -6.37 1.09 8.42
N HIS A 269 -5.61 1.25 7.35
CA HIS A 269 -4.19 1.58 7.46
C HIS A 269 -4.04 3.05 7.12
N MET A 270 -3.55 3.82 8.09
CA MET A 270 -3.38 5.24 7.85
C MET A 270 -1.93 5.69 7.73
N SER A 271 -1.58 6.19 6.55
CA SER A 271 -0.25 6.71 6.30
C SER A 271 -0.43 8.18 6.73
N GLU A 272 0.10 8.50 7.89
CA GLU A 272 -0.05 9.81 8.50
C GLU A 272 0.71 10.99 7.91
N THR A 273 1.85 10.72 7.29
CA THR A 273 2.64 11.78 6.70
C THR A 273 3.50 11.31 5.53
N ASP A 274 3.80 12.22 4.61
CA ASP A 274 4.62 11.92 3.46
C ASP A 274 6.04 11.75 3.98
N LEU A 275 6.90 11.09 3.22
CA LEU A 275 8.29 10.90 3.65
C LEU A 275 8.92 12.27 3.89
N ALA A 276 8.43 13.28 3.18
CA ALA A 276 8.96 14.63 3.30
C ALA A 276 8.40 15.35 4.52
N GLY A 277 7.56 14.66 5.28
CA GLY A 277 6.98 15.25 6.48
C GLY A 277 5.60 15.83 6.27
N GLY A 278 4.95 16.17 7.37
CA GLY A 278 3.62 16.74 7.32
C GLY A 278 3.14 17.09 8.71
N LYS A 279 1.97 17.69 8.82
CA LYS A 279 1.41 18.07 10.10
C LYS A 279 0.96 16.83 10.87
N PRO A 280 1.26 16.77 12.17
CA PRO A 280 0.88 15.60 12.97
C PRO A 280 -0.63 15.48 13.22
N TYR A 281 -1.07 14.25 13.48
CA TYR A 281 -2.47 13.95 13.76
C TYR A 281 -2.76 14.34 15.21
N SER A 282 -3.84 15.09 15.43
CA SER A 282 -4.19 15.48 16.79
C SER A 282 -4.87 14.26 17.43
N GLU A 283 -4.82 14.17 18.75
CA GLU A 283 -5.46 13.03 19.42
C GLU A 283 -6.97 13.10 19.28
N ALA A 284 -7.46 14.30 18.99
CA ALA A 284 -8.89 14.52 18.80
C ALA A 284 -9.32 13.83 17.52
N PHE A 285 -8.56 14.05 16.45
CA PHE A 285 -8.86 13.44 15.17
C PHE A 285 -8.75 11.92 15.27
N ARG A 286 -7.72 11.45 15.98
CA ARG A 286 -7.54 10.01 16.16
C ARG A 286 -8.75 9.41 16.86
N GLN A 287 -9.35 10.16 17.79
CA GLN A 287 -10.54 9.68 18.50
C GLN A 287 -11.73 9.61 17.54
N LYS A 288 -11.88 10.62 16.70
CA LYS A 288 -12.96 10.65 15.72
C LYS A 288 -12.86 9.48 14.75
N VAL A 289 -11.63 9.14 14.36
CA VAL A 289 -11.42 8.02 13.46
C VAL A 289 -11.76 6.74 14.21
N ARG A 290 -11.25 6.66 15.43
CA ARG A 290 -11.42 5.52 16.33
C ARG A 290 -12.89 5.13 16.48
N GLU A 291 -13.74 6.11 16.77
CA GLU A 291 -15.17 5.83 16.95
C GLU A 291 -15.91 5.49 15.68
N ARG A 292 -15.33 5.80 14.53
CA ARG A 292 -15.98 5.52 13.25
C ARG A 292 -15.61 4.19 12.62
N PHE A 293 -14.45 3.66 12.97
CA PHE A 293 -14.02 2.38 12.41
C PHE A 293 -13.98 1.34 13.51
N HIS A 294 -14.63 0.20 13.31
CA HIS A 294 -14.67 -0.84 14.32
C HIS A 294 -13.70 -1.99 14.10
N GLY A 295 -12.78 -1.83 13.16
CA GLY A 295 -11.81 -2.86 12.90
C GLY A 295 -10.43 -2.41 13.35
N VAL A 296 -9.41 -3.13 12.94
CA VAL A 296 -8.04 -2.78 13.31
C VAL A 296 -7.60 -1.50 12.61
N ILE A 297 -6.89 -0.66 13.35
CA ILE A 297 -6.38 0.59 12.82
C ILE A 297 -4.86 0.55 12.94
N ILE A 298 -4.18 0.67 11.80
CA ILE A 298 -2.72 0.66 11.75
C ILE A 298 -2.17 2.06 11.49
N GLY A 299 -1.23 2.48 12.34
CA GLY A 299 -0.63 3.79 12.17
C GLY A 299 0.73 3.67 11.52
N ALA A 300 1.08 4.65 10.70
CA ALA A 300 2.37 4.64 10.00
C ALA A 300 2.85 6.06 9.70
N GLY A 301 4.16 6.23 9.67
CA GLY A 301 4.72 7.54 9.40
C GLY A 301 6.16 7.63 9.88
N ALA A 302 6.37 8.20 11.05
CA ALA A 302 7.75 8.29 11.53
C ALA A 302 7.73 7.71 12.93
N TYR A 303 7.02 6.59 13.04
CA TYR A 303 6.87 5.93 14.32
C TYR A 303 8.16 5.38 14.89
N THR A 304 8.27 5.53 16.21
CA THR A 304 9.38 5.01 16.98
C THR A 304 8.62 4.00 17.81
N ALA A 305 9.31 3.01 18.39
CA ALA A 305 8.61 2.02 19.20
C ALA A 305 7.84 2.73 20.30
N GLU A 306 8.44 3.77 20.87
CA GLU A 306 7.81 4.53 21.95
C GLU A 306 6.49 5.17 21.55
N LYS A 307 6.46 5.81 20.38
CA LYS A 307 5.24 6.46 19.93
C LYS A 307 4.12 5.43 19.73
N ALA A 308 4.50 4.26 19.24
CA ALA A 308 3.55 3.18 19.00
C ALA A 308 2.94 2.70 20.31
N GLU A 309 3.79 2.45 21.30
CA GLU A 309 3.34 1.99 22.62
C GLU A 309 2.38 2.99 23.25
N ASP A 310 2.71 4.27 23.10
CA ASP A 310 1.89 5.35 23.66
C ASP A 310 0.49 5.39 23.02
N LEU A 311 0.42 5.31 21.69
CA LEU A 311 -0.87 5.36 21.02
C LEU A 311 -1.69 4.08 21.17
N ILE A 312 -1.01 2.94 21.19
CA ILE A 312 -1.69 1.67 21.37
C ILE A 312 -2.24 1.63 22.80
N GLY A 313 -1.46 2.22 23.72
CA GLY A 313 -1.86 2.25 25.12
C GLY A 313 -3.05 3.16 25.37
N LYS A 314 -3.21 4.18 24.54
CA LYS A 314 -4.33 5.10 24.66
C LYS A 314 -5.52 4.52 23.93
N GLY A 315 -5.29 3.37 23.29
CA GLY A 315 -6.35 2.71 22.55
C GLY A 315 -6.76 3.44 21.28
N LEU A 316 -5.91 4.33 20.78
CA LEU A 316 -6.22 5.08 19.56
C LEU A 316 -5.91 4.30 18.29
N ILE A 317 -4.96 3.36 18.37
CA ILE A 317 -4.60 2.51 17.25
C ILE A 317 -4.31 1.13 17.81
N ASP A 318 -4.25 0.13 16.94
CA ASP A 318 -4.00 -1.25 17.35
C ASP A 318 -2.63 -1.79 16.96
N ALA A 319 -2.08 -1.27 15.87
CA ALA A 319 -0.79 -1.73 15.39
C ALA A 319 -0.03 -0.62 14.68
N VAL A 320 1.25 -0.87 14.44
CA VAL A 320 2.09 0.09 13.77
C VAL A 320 2.89 -0.55 12.66
N ALA A 321 2.86 0.07 11.49
CA ALA A 321 3.62 -0.45 10.36
C ALA A 321 4.90 0.36 10.22
N PHE A 322 6.04 -0.33 10.33
CA PHE A 322 7.35 0.32 10.20
C PHE A 322 7.86 0.06 8.80
N GLY A 323 8.36 1.10 8.14
CA GLY A 323 8.86 0.94 6.79
C GLY A 323 10.37 0.78 6.73
N ARG A 324 11.07 1.91 6.77
CA ARG A 324 12.53 1.91 6.69
C ARG A 324 13.25 1.04 7.71
N ASP A 325 12.78 1.00 8.96
CA ASP A 325 13.44 0.16 9.95
C ASP A 325 13.31 -1.29 9.55
N TYR A 326 12.24 -1.63 8.86
CA TYR A 326 12.06 -3.01 8.43
C TYR A 326 12.96 -3.31 7.25
N ILE A 327 13.25 -2.29 6.45
CA ILE A 327 14.14 -2.49 5.32
C ILE A 327 15.52 -2.90 5.85
N ALA A 328 15.96 -2.23 6.92
CA ALA A 328 17.28 -2.50 7.48
C ALA A 328 17.34 -3.55 8.59
N ASN A 329 16.18 -3.99 9.07
CA ASN A 329 16.15 -4.96 10.15
C ASN A 329 15.09 -6.04 9.93
N PRO A 330 15.50 -7.18 9.38
CA PRO A 330 14.54 -8.27 9.13
C PRO A 330 13.92 -8.78 10.43
N ASP A 331 14.73 -8.77 11.50
CA ASP A 331 14.28 -9.22 12.82
C ASP A 331 13.97 -8.02 13.72
N LEU A 332 13.33 -7.00 13.15
CA LEU A 332 12.97 -5.82 13.91
C LEU A 332 12.20 -6.17 15.18
N VAL A 333 11.34 -7.17 15.10
CA VAL A 333 10.56 -7.57 16.27
C VAL A 333 11.48 -7.92 17.43
N ALA A 334 12.42 -8.83 17.18
CA ALA A 334 13.37 -9.24 18.20
C ALA A 334 14.17 -8.05 18.73
N ARG A 335 14.63 -7.19 17.84
CA ARG A 335 15.42 -6.03 18.24
C ARG A 335 14.64 -5.06 19.12
N LEU A 336 13.42 -4.72 18.71
CA LEU A 336 12.62 -3.79 19.50
C LEU A 336 12.26 -4.41 20.85
N GLN A 337 12.00 -5.71 20.86
CA GLN A 337 11.65 -6.37 22.11
C GLN A 337 12.86 -6.44 23.06
N LYS A 338 14.04 -6.70 22.49
CA LYS A 338 15.27 -6.78 23.28
C LYS A 338 15.93 -5.42 23.49
N LYS A 339 15.41 -4.39 22.81
CA LYS A 339 15.96 -3.04 22.93
C LYS A 339 17.40 -3.01 22.39
N ALA A 340 17.66 -3.82 21.36
CA ALA A 340 18.99 -3.87 20.76
C ALA A 340 19.14 -2.74 19.75
N GLU A 341 20.33 -2.59 19.20
CA GLU A 341 20.57 -1.55 18.21
C GLU A 341 20.12 -2.03 16.84
N LEU A 342 19.71 -1.09 15.99
CA LEU A 342 19.25 -1.43 14.65
C LEU A 342 20.39 -1.25 13.66
N ASN A 343 20.34 -1.96 12.54
CA ASN A 343 21.36 -1.82 11.52
C ASN A 343 21.13 -0.45 10.88
N PRO A 344 22.21 0.23 10.45
CA PRO A 344 22.02 1.54 9.82
C PRO A 344 21.35 1.37 8.46
N GLN A 345 20.60 2.37 8.03
CA GLN A 345 19.92 2.30 6.75
C GLN A 345 20.80 2.74 5.59
N ARG A 346 20.59 2.12 4.43
CA ARG A 346 21.34 2.46 3.23
C ARG A 346 20.34 2.86 2.13
N PRO A 347 19.79 4.08 2.21
CA PRO A 347 18.82 4.65 1.28
C PRO A 347 19.15 4.48 -0.21
N GLU A 348 20.43 4.58 -0.54
CA GLU A 348 20.91 4.45 -1.91
C GLU A 348 20.46 3.17 -2.61
N SER A 349 20.20 2.13 -1.82
CA SER A 349 19.78 0.85 -2.40
C SER A 349 18.33 0.48 -2.08
N PHE A 350 17.51 1.47 -1.74
CA PHE A 350 16.10 1.21 -1.45
C PHE A 350 15.40 0.74 -2.72
N TYR A 351 15.73 1.39 -3.84
CA TYR A 351 15.09 1.09 -5.13
C TYR A 351 16.01 0.44 -6.16
N GLY A 352 15.57 -0.70 -6.70
CA GLY A 352 16.34 -1.38 -7.71
C GLY A 352 17.59 -2.09 -7.22
N GLY A 353 18.35 -2.62 -8.18
CA GLY A 353 19.57 -3.33 -7.85
C GLY A 353 19.30 -4.79 -7.55
N GLY A 354 20.09 -5.36 -6.64
CA GLY A 354 19.93 -6.76 -6.32
C GLY A 354 19.94 -7.05 -4.84
N ALA A 355 20.72 -8.07 -4.46
CA ALA A 355 20.81 -8.49 -3.08
C ALA A 355 21.39 -7.41 -2.17
N GLU A 356 22.33 -6.63 -2.70
CA GLU A 356 22.96 -5.58 -1.91
C GLU A 356 21.92 -4.56 -1.44
N GLY A 357 21.86 -4.38 -0.13
CA GLY A 357 20.89 -3.44 0.44
C GLY A 357 19.49 -4.00 0.40
N TYR A 358 19.36 -5.30 0.23
CA TYR A 358 18.04 -5.93 0.18
C TYR A 358 17.98 -7.10 1.14
N THR A 359 18.80 -8.10 0.90
CA THR A 359 18.83 -9.29 1.75
C THR A 359 20.10 -9.38 2.61
N ASP A 360 20.96 -8.37 2.52
CA ASP A 360 22.21 -8.40 3.27
C ASP A 360 22.22 -7.65 4.61
N TYR A 361 21.04 -7.27 5.10
CA TYR A 361 20.96 -6.61 6.41
C TYR A 361 20.88 -7.80 7.37
N PRO A 362 21.87 -7.96 8.24
CA PRO A 362 21.86 -9.09 9.17
C PRO A 362 20.86 -9.06 10.32
N SER A 363 20.55 -10.25 10.81
CA SER A 363 19.65 -10.40 11.94
C SER A 363 20.57 -10.53 13.14
N LEU A 364 20.03 -10.37 14.34
CA LEU A 364 20.83 -10.49 15.55
C LEU A 364 21.46 -11.88 15.60
N1 FMN B . 3.91 3.10 0.80
C2 FMN B . 2.94 2.30 0.25
O2 FMN B . 1.75 2.41 0.53
N3 FMN B . 3.31 1.37 -0.79
C4 FMN B . 4.59 1.10 -1.16
O4 FMN B . 4.83 0.27 -2.05
C4A FMN B . 5.62 1.96 -0.56
N5 FMN B . 6.88 1.95 -1.00
C5A FMN B . 7.85 2.59 -0.28
C6 FMN B . 9.24 2.50 -0.70
C7 FMN B . 10.28 3.06 0.01
C7M FMN B . 11.74 2.62 -0.16
C8 FMN B . 9.96 3.90 1.18
C8M FMN B . 11.04 4.75 1.83
C9 FMN B . 8.62 4.16 1.44
C9A FMN B . 7.56 3.48 0.81
N10 FMN B . 6.18 3.53 1.23
C10 FMN B . 5.18 2.89 0.51
C1' FMN B . 5.79 4.16 2.50
C2' FMN B . 6.07 3.22 3.68
O2' FMN B . 5.14 2.14 3.76
C3' FMN B . 6.01 3.99 5.02
O3' FMN B . 4.65 4.43 5.29
C4' FMN B . 7.02 5.12 5.12
O4' FMN B . 8.36 4.62 4.86
C5' FMN B . 7.05 5.90 6.41
O5' FMN B . 7.36 5.02 7.51
P FMN B . 8.81 4.84 8.12
O1P FMN B . 9.74 4.31 7.07
O2P FMN B . 9.25 6.14 8.73
O3P FMN B . 8.53 3.79 9.25
C1 A2Q C . 4.25 4.52 -2.60
C2 A2Q C . 4.69 3.63 -3.66
C3 A2Q C . 5.98 3.66 -4.12
C4 A2Q C . 7.04 4.60 -3.56
C5 A2Q C . 6.47 5.88 -2.86
C6 A2Q C . 5.24 5.52 -1.97
O1 A2Q C . 3.07 4.51 -2.16
#